data_4PK3
#
_entry.id   4PK3
#
_cell.length_a   37.163
_cell.length_b   52.284
_cell.length_c   50.142
_cell.angle_alpha   90.00
_cell.angle_beta   107.13
_cell.angle_gamma   90.00
#
_symmetry.space_group_name_H-M   'P 1 21 1'
#
loop_
_entity.id
_entity.type
_entity.pdbx_description
1 polymer 'Alpha-tubulin N-acetyltransferase 1'
2 polymer 'ACETYL-SER-ASP-(N-ACETYL-LYS)-THR-NH2 PEPTIDE'
3 non-polymer 'COENZYME A'
4 water water
#
loop_
_entity_poly.entity_id
_entity_poly.type
_entity_poly.pdbx_seq_one_letter_code
_entity_poly.pdbx_strand_id
1 'polypeptide(L)'
;FTMEFPFDVDALFPERITVLDQHLRPPARRPGTTTPARVDLQQQIMTIIDELGKASAKAQNLSAPITSASRMQSNRHVVY
ILKDSSARPAGKGAIIGFIKVGYKKLFVLDDREAHNEVEPLCILDFYIHESVQRHGHGRELFQYMLQKERVEPHQLAIDR
PSQKLLKFLNKHYNLETTVPQVNNFVIFEGFFAHQHPP
;
A
2 'polypeptide(L)' (ACE)SD(ALY)T(NH2) B
#
# COMPACT_ATOMS: atom_id res chain seq x y z
N PHE A 1 -1.87 6.69 -16.12
CA PHE A 1 -0.57 6.15 -15.64
C PHE A 1 -0.03 5.07 -16.60
N THR A 2 1.17 5.30 -17.14
CA THR A 2 1.81 4.38 -18.07
C THR A 2 3.10 3.80 -17.52
N MET A 3 3.45 4.25 -16.30
CA MET A 3 4.72 3.98 -15.62
C MET A 3 5.80 5.01 -15.91
N GLU A 4 5.73 5.66 -17.06
CA GLU A 4 6.76 6.62 -17.46
C GLU A 4 6.30 8.06 -17.31
N PHE A 5 7.26 8.94 -17.11
CA PHE A 5 7.00 10.36 -16.87
C PHE A 5 7.96 11.18 -17.72
N PRO A 6 7.65 12.47 -17.94
CA PRO A 6 8.52 13.33 -18.76
C PRO A 6 9.73 13.88 -18.00
N PHE A 7 10.15 13.16 -16.97
CA PHE A 7 11.34 13.50 -16.21
C PHE A 7 11.99 12.19 -15.76
N ASP A 8 13.22 12.31 -15.25
CA ASP A 8 14.09 11.17 -14.94
C ASP A 8 13.77 10.64 -13.55
N VAL A 9 13.05 9.54 -13.53
CA VAL A 9 12.65 8.88 -12.31
C VAL A 9 13.86 8.34 -11.54
N ASP A 10 14.90 7.94 -12.26
CA ASP A 10 16.06 7.37 -11.59
C ASP A 10 16.86 8.43 -10.86
N ALA A 11 16.90 9.64 -11.42
CA ALA A 11 17.55 10.77 -10.77
C ALA A 11 16.74 11.19 -9.53
N LEU A 12 15.42 11.17 -9.66
CA LEU A 12 14.52 11.55 -8.56
C LEU A 12 14.56 10.56 -7.40
N PHE A 13 14.46 9.29 -7.74
CA PHE A 13 14.43 8.18 -6.78
C PHE A 13 15.65 7.28 -7.00
N PRO A 14 16.76 7.57 -6.32
CA PRO A 14 17.94 6.71 -6.52
C PRO A 14 17.77 5.29 -6.00
N GLU A 15 16.93 5.10 -4.99
CA GLU A 15 16.75 3.77 -4.41
C GLU A 15 15.59 3.01 -5.06
N ARG A 16 15.67 1.70 -4.98
CA ARG A 16 14.69 0.82 -5.60
C ARG A 16 13.27 1.07 -5.06
N ILE A 17 13.17 1.19 -3.74
CA ILE A 17 11.91 1.52 -3.07
C ILE A 17 12.17 2.78 -2.26
N THR A 18 11.32 3.77 -2.49
CA THR A 18 11.40 5.08 -1.86
C THR A 18 10.23 5.24 -0.90
N VAL A 19 10.52 5.70 0.32
CA VAL A 19 9.49 5.80 1.36
C VAL A 19 9.21 7.26 1.66
N LEU A 20 7.97 7.68 1.52
CA LEU A 20 7.59 9.07 1.70
C LEU A 20 6.46 9.24 2.70
N ASP A 21 6.47 10.36 3.42
CA ASP A 21 5.41 10.68 4.37
C ASP A 21 4.71 11.97 3.97
N GLN A 22 3.97 12.57 4.88
CA GLN A 22 3.18 13.74 4.56
C GLN A 22 4.01 14.91 4.04
N HIS A 23 5.31 14.92 4.31
CA HIS A 23 6.15 16.02 3.85
C HIS A 23 6.64 15.87 2.42
N LEU A 24 6.54 14.66 1.89
CA LEU A 24 6.92 14.38 0.50
C LEU A 24 8.28 14.97 0.15
N ARG A 25 9.29 14.57 0.91
CA ARG A 25 10.64 15.13 0.76
C ARG A 25 11.37 14.43 -0.37
N PRO A 26 11.82 15.19 -1.38
CA PRO A 26 12.68 14.57 -2.39
C PRO A 26 13.95 13.98 -1.78
N PRO A 27 14.34 12.76 -2.17
CA PRO A 27 15.65 12.25 -1.72
C PRO A 27 16.80 13.14 -2.16
N ALA A 28 17.88 13.17 -1.36
CA ALA A 28 19.11 13.86 -1.76
C ALA A 28 20.32 13.04 -1.33
N VAL A 39 12.14 21.35 -12.58
CA VAL A 39 13.18 21.43 -11.57
C VAL A 39 12.63 21.49 -10.15
N ASP A 40 11.30 21.41 -10.01
CA ASP A 40 10.70 21.18 -8.70
C ASP A 40 10.55 19.67 -8.50
N LEU A 41 11.50 19.09 -7.79
CA LEU A 41 11.49 17.68 -7.57
C LEU A 41 10.30 17.27 -6.72
N GLN A 42 9.85 18.13 -5.81
CA GLN A 42 8.69 17.78 -5.01
C GLN A 42 7.45 17.65 -5.88
N GLN A 43 7.30 18.51 -6.88
CA GLN A 43 6.13 18.37 -7.74
C GLN A 43 6.21 17.10 -8.60
N GLN A 44 7.42 16.67 -8.98
CA GLN A 44 7.59 15.38 -9.63
C GLN A 44 7.05 14.25 -8.76
N ILE A 45 7.38 14.28 -7.49
CA ILE A 45 6.85 13.29 -6.56
C ILE A 45 5.34 13.37 -6.44
N MET A 46 4.82 14.57 -6.32
CA MET A 46 3.38 14.75 -6.20
C MET A 46 2.63 14.23 -7.44
N THR A 47 3.17 14.49 -8.63
CA THR A 47 2.57 14.01 -9.86
C THR A 47 2.55 12.47 -9.89
N ILE A 48 3.67 11.85 -9.49
CA ILE A 48 3.75 10.41 -9.46
C ILE A 48 2.66 9.83 -8.53
N ILE A 49 2.53 10.40 -7.33
CA ILE A 49 1.51 9.95 -6.40
C ILE A 49 0.11 10.15 -6.94
N ASP A 50 -0.15 11.30 -7.56
CA ASP A 50 -1.47 11.57 -8.12
C ASP A 50 -1.82 10.52 -9.18
N GLU A 51 -0.89 10.25 -10.09
CA GLU A 51 -1.15 9.31 -11.16
C GLU A 51 -1.28 7.91 -10.60
N LEU A 52 -0.46 7.54 -9.62
CA LEU A 52 -0.56 6.22 -9.00
C LEU A 52 -1.90 6.05 -8.34
N GLY A 53 -2.39 7.06 -7.64
CA GLY A 53 -3.69 6.95 -6.96
C GLY A 53 -4.84 6.80 -7.92
N LYS A 54 -4.77 7.53 -9.03
CA LYS A 54 -5.83 7.45 -10.02
C LYS A 54 -5.88 6.06 -10.65
N ALA A 55 -4.70 5.50 -10.92
CA ALA A 55 -4.60 4.18 -11.54
C ALA A 55 -5.11 3.11 -10.58
N SER A 56 -4.75 3.23 -9.31
CA SER A 56 -5.18 2.26 -8.32
C SER A 56 -6.70 2.29 -8.16
N ALA A 57 -7.30 3.47 -8.14
CA ALA A 57 -8.74 3.59 -7.96
C ALA A 57 -9.46 2.89 -9.12
N LYS A 58 -8.96 3.13 -10.32
CA LYS A 58 -9.53 2.51 -11.51
C LYS A 58 -9.48 0.98 -11.41
N ALA A 59 -8.33 0.47 -10.94
CA ALA A 59 -8.11 -0.97 -10.82
C ALA A 59 -8.99 -1.62 -9.76
N GLN A 60 -9.48 -0.82 -8.81
CA GLN A 60 -10.29 -1.31 -7.70
C GLN A 60 -11.75 -0.93 -7.83
N ASN A 61 -12.14 -0.48 -9.02
CA ASN A 61 -13.51 -0.11 -9.29
C ASN A 61 -14.02 0.96 -8.32
N LEU A 62 -13.15 1.92 -7.99
CA LEU A 62 -13.51 3.06 -7.15
C LEU A 62 -13.78 4.27 -8.03
N SER A 63 -14.70 5.12 -7.58
CA SER A 63 -15.17 6.24 -8.38
C SER A 63 -14.24 7.45 -8.30
N ALA A 64 -13.39 7.48 -7.28
CA ALA A 64 -12.39 8.52 -7.16
C ALA A 64 -11.16 8.00 -6.40
N PRO A 65 -10.00 8.66 -6.57
CA PRO A 65 -8.78 8.18 -5.90
C PRO A 65 -8.87 8.30 -4.38
N ILE A 66 -8.26 7.36 -3.65
CA ILE A 66 -8.08 7.50 -2.20
C ILE A 66 -6.64 7.87 -1.82
N THR A 67 -5.75 7.85 -2.82
CA THR A 67 -4.37 8.26 -2.65
C THR A 67 -4.08 9.40 -3.63
N SER A 68 -3.54 10.50 -3.12
CA SER A 68 -3.15 11.64 -3.94
C SER A 68 -2.10 12.42 -3.17
N ALA A 69 -1.41 13.33 -3.85
CA ALA A 69 -0.44 14.16 -3.16
C ALA A 69 -1.10 14.97 -2.03
N SER A 70 -2.21 15.61 -2.31
CA SER A 70 -2.91 16.41 -1.30
C SER A 70 -3.33 15.56 -0.09
N ARG A 71 -3.83 14.35 -0.34
CA ARG A 71 -4.24 13.49 0.74
C ARG A 71 -3.04 13.02 1.55
N MET A 72 -1.90 12.76 0.90
CA MET A 72 -0.67 12.47 1.65
C MET A 72 -0.35 13.64 2.58
N GLN A 73 -0.52 14.87 2.09
CA GLN A 73 -0.10 16.02 2.87
C GLN A 73 -0.97 16.28 4.07
N SER A 74 -2.22 15.80 4.03
CA SER A 74 -3.17 16.09 5.10
C SER A 74 -3.44 14.90 6.01
N ASN A 75 -2.65 13.86 5.87
CA ASN A 75 -2.79 12.68 6.71
C ASN A 75 -1.45 12.28 7.32
N ARG A 76 -1.47 11.18 8.08
CA ARG A 76 -0.26 10.61 8.65
C ARG A 76 0.00 9.22 8.06
N HIS A 77 -0.12 9.13 6.75
CA HIS A 77 0.12 7.91 6.01
C HIS A 77 1.55 7.87 5.48
N VAL A 78 2.00 6.67 5.14
CA VAL A 78 3.34 6.47 4.60
C VAL A 78 3.18 5.70 3.30
N VAL A 79 3.87 6.15 2.26
CA VAL A 79 3.83 5.51 0.95
C VAL A 79 5.22 4.97 0.55
N TYR A 80 5.22 3.74 0.07
CA TYR A 80 6.39 3.05 -0.43
C TYR A 80 6.24 2.93 -1.92
N ILE A 81 7.17 3.49 -2.69
CA ILE A 81 7.09 3.52 -4.15
C ILE A 81 8.24 2.73 -4.77
N LEU A 82 7.86 1.72 -5.55
CA LEU A 82 8.80 0.85 -6.26
C LEU A 82 9.03 1.37 -7.67
N LYS A 83 10.28 1.72 -8.00
CA LYS A 83 10.64 2.08 -9.37
C LYS A 83 11.05 0.85 -10.13
N ASP A 84 11.11 0.98 -11.45
CA ASP A 84 11.49 -0.11 -12.34
C ASP A 84 13.01 -0.18 -12.39
N SER A 85 13.58 -1.33 -12.03
CA SER A 85 15.03 -1.50 -11.92
C SER A 85 15.64 -1.96 -13.24
N SER A 86 14.83 -2.01 -14.29
CA SER A 86 15.32 -2.34 -15.61
C SER A 86 15.54 -1.04 -16.37
N ALA A 87 16.10 -1.17 -17.58
CA ALA A 87 16.27 -0.04 -18.46
C ALA A 87 15.08 0.04 -19.41
N ARG A 88 14.54 1.24 -19.57
CA ARG A 88 13.41 1.48 -20.46
C ARG A 88 13.96 2.10 -21.74
N PRO A 89 13.23 1.97 -22.84
CA PRO A 89 13.70 2.47 -24.12
C PRO A 89 13.75 4.00 -24.12
N ALA A 90 12.83 4.62 -23.39
CA ALA A 90 12.77 6.09 -23.32
C ALA A 90 13.90 6.67 -22.47
N GLY A 91 14.52 5.82 -21.65
CA GLY A 91 15.72 6.19 -20.92
C GLY A 91 15.56 7.14 -19.74
N LYS A 92 14.36 7.23 -19.16
CA LYS A 92 14.13 8.11 -18.02
C LYS A 92 13.53 7.36 -16.81
N GLY A 93 13.67 6.04 -16.81
CA GLY A 93 13.18 5.25 -15.70
C GLY A 93 11.68 5.12 -15.74
N ALA A 94 11.11 4.47 -14.74
CA ALA A 94 9.67 4.25 -14.69
C ALA A 94 9.27 3.84 -13.29
N ILE A 95 7.97 3.91 -13.01
CA ILE A 95 7.44 3.52 -11.70
C ILE A 95 6.57 2.28 -11.85
N ILE A 96 6.79 1.29 -10.99
CA ILE A 96 6.00 0.05 -11.03
C ILE A 96 4.71 0.13 -10.21
N GLY A 97 4.80 0.64 -8.99
CA GLY A 97 3.64 0.68 -8.14
C GLY A 97 3.97 1.16 -6.75
N PHE A 98 3.03 0.95 -5.84
CA PHE A 98 3.16 1.48 -4.48
C PHE A 98 2.28 0.76 -3.49
N ILE A 99 2.61 0.94 -2.21
CA ILE A 99 1.73 0.50 -1.14
C ILE A 99 1.71 1.64 -0.12
N LYS A 100 0.52 1.95 0.37
CA LYS A 100 0.31 3.04 1.33
C LYS A 100 -0.27 2.49 2.61
N VAL A 101 0.34 2.86 3.72
CA VAL A 101 -0.04 2.34 5.03
C VAL A 101 -0.29 3.48 6.02
N GLY A 102 -1.02 3.21 7.08
CA GLY A 102 -1.24 4.18 8.13
C GLY A 102 -1.88 3.49 9.32
N TYR A 103 -1.55 3.96 10.52
CA TYR A 103 -2.17 3.45 11.73
C TYR A 103 -3.58 4.07 11.83
N LYS A 104 -4.56 3.26 12.24
CA LYS A 104 -5.91 3.76 12.54
C LYS A 104 -6.54 3.16 13.76
N LYS A 105 -7.27 3.98 14.52
CA LYS A 105 -8.09 3.48 15.63
C LYS A 105 -9.35 2.79 15.09
N LEU A 106 -9.53 1.54 15.51
CA LEU A 106 -10.68 0.73 15.14
C LEU A 106 -11.22 0.04 16.38
N PHE A 107 -12.48 -0.37 16.30
CA PHE A 107 -13.08 -1.24 17.28
C PHE A 107 -13.46 -2.48 16.50
N VAL A 108 -12.88 -3.60 16.87
CA VAL A 108 -13.14 -4.83 16.13
C VAL A 108 -13.72 -5.91 17.01
N LEU A 109 -14.69 -6.59 16.44
CA LEU A 109 -15.38 -7.69 17.10
C LEU A 109 -14.57 -8.96 16.95
N ASP A 110 -14.35 -9.66 18.07
CA ASP A 110 -13.73 -10.98 17.99
C ASP A 110 -14.78 -12.07 18.04
N ASP A 111 -14.32 -13.31 18.15
CA ASP A 111 -15.21 -14.46 18.16
C ASP A 111 -15.69 -14.81 19.56
N ARG A 112 -15.40 -13.94 20.52
CA ARG A 112 -15.85 -14.13 21.89
C ARG A 112 -16.77 -12.97 22.29
N GLU A 113 -17.41 -12.40 21.27
CA GLU A 113 -18.38 -11.31 21.41
C GLU A 113 -17.86 -10.04 22.07
N ALA A 114 -16.54 -9.88 22.11
CA ALA A 114 -15.94 -8.67 22.65
C ALA A 114 -15.64 -7.67 21.54
N HIS A 115 -15.84 -6.38 21.82
CA HIS A 115 -15.42 -5.32 20.92
C HIS A 115 -14.10 -4.77 21.38
N ASN A 116 -13.05 -5.01 20.61
CA ASN A 116 -11.69 -4.69 21.02
C ASN A 116 -11.22 -3.39 20.43
N GLU A 117 -10.76 -2.47 21.27
CA GLU A 117 -10.24 -1.21 20.80
C GLU A 117 -8.80 -1.46 20.37
N VAL A 118 -8.48 -1.15 19.12
CA VAL A 118 -7.15 -1.43 18.58
C VAL A 118 -6.68 -0.25 17.75
N GLU A 119 -5.37 -0.24 17.47
CA GLU A 119 -4.79 0.77 16.59
C GLU A 119 -3.72 0.14 15.71
N PRO A 120 -4.15 -0.77 14.84
CA PRO A 120 -3.19 -1.49 14.01
C PRO A 120 -2.66 -0.65 12.86
N LEU A 121 -1.51 -1.07 12.32
CA LEU A 121 -1.08 -0.56 11.04
C LEU A 121 -2.05 -1.12 10.01
N CYS A 122 -2.52 -0.26 9.13
CA CYS A 122 -3.47 -0.66 8.09
C CYS A 122 -2.89 -0.51 6.69
N ILE A 123 -3.20 -1.48 5.84
CA ILE A 123 -2.96 -1.37 4.40
C ILE A 123 -4.11 -0.56 3.83
N LEU A 124 -3.79 0.61 3.28
CA LEU A 124 -4.79 1.59 2.86
C LEU A 124 -4.91 1.68 1.34
N ASP A 125 -3.82 1.44 0.59
CA ASP A 125 -3.88 1.42 -0.88
C ASP A 125 -2.69 0.59 -1.34
N PHE A 126 -2.82 -0.15 -2.43
CA PHE A 126 -1.77 -1.05 -2.88
C PHE A 126 -2.07 -1.33 -4.34
N TYR A 127 -1.11 -1.03 -5.22
CA TYR A 127 -1.30 -1.16 -6.65
C TYR A 127 0.02 -1.38 -7.38
N ILE A 128 0.00 -2.32 -8.32
CA ILE A 128 1.10 -2.59 -9.24
C ILE A 128 0.54 -2.42 -10.66
N HIS A 129 1.27 -1.73 -11.54
CA HIS A 129 0.78 -1.49 -12.89
C HIS A 129 0.32 -2.78 -13.57
N GLU A 130 -0.81 -2.71 -14.23
CA GLU A 130 -1.43 -3.91 -14.82
C GLU A 130 -0.48 -4.74 -15.67
N SER A 131 0.37 -4.07 -16.45
CA SER A 131 1.24 -4.78 -17.39
C SER A 131 2.27 -5.66 -16.70
N VAL A 132 2.54 -5.39 -15.43
CA VAL A 132 3.56 -6.11 -14.71
C VAL A 132 3.06 -6.66 -13.38
N GLN A 133 1.75 -6.89 -13.28
CA GLN A 133 1.21 -7.66 -12.17
C GLN A 133 1.61 -9.13 -12.33
N ARG A 134 1.61 -9.85 -11.22
CA ARG A 134 1.95 -11.26 -11.20
C ARG A 134 3.38 -11.52 -11.65
N HIS A 135 4.24 -10.49 -11.48
CA HIS A 135 5.67 -10.61 -11.75
C HIS A 135 6.50 -10.58 -10.46
N GLY A 136 5.84 -10.65 -9.31
CA GLY A 136 6.50 -10.62 -8.01
C GLY A 136 6.73 -9.26 -7.40
N HIS A 137 6.35 -8.19 -8.08
CA HIS A 137 6.63 -6.84 -7.56
C HIS A 137 5.83 -6.55 -6.31
N GLY A 138 4.58 -6.97 -6.27
CA GLY A 138 3.77 -6.74 -5.10
C GLY A 138 4.36 -7.40 -3.85
N ARG A 139 4.83 -8.65 -3.97
CA ARG A 139 5.44 -9.32 -2.85
C ARG A 139 6.70 -8.58 -2.38
N GLU A 140 7.51 -8.12 -3.32
CA GLU A 140 8.71 -7.40 -2.97
C GLU A 140 8.38 -6.15 -2.15
N LEU A 141 7.42 -5.39 -2.63
CA LEU A 141 7.01 -4.15 -1.99
C LEU A 141 6.44 -4.42 -0.59
N PHE A 142 5.59 -5.44 -0.50
CA PHE A 142 4.96 -5.79 0.75
C PHE A 142 6.02 -6.20 1.77
N GLN A 143 6.99 -7.02 1.36
CA GLN A 143 8.09 -7.43 2.24
C GLN A 143 8.89 -6.25 2.75
N TYR A 144 9.23 -5.32 1.87
CA TYR A 144 10.00 -4.17 2.30
C TYR A 144 9.23 -3.38 3.35
N MET A 145 7.94 -3.20 3.13
CA MET A 145 7.09 -2.49 4.06
C MET A 145 7.03 -3.21 5.42
N LEU A 146 6.82 -4.53 5.41
CA LEU A 146 6.80 -5.27 6.67
C LEU A 146 8.08 -5.06 7.46
N GLN A 147 9.19 -5.06 6.76
CA GLN A 147 10.47 -4.95 7.42
C GLN A 147 10.68 -3.55 8.01
N LYS A 148 10.36 -2.51 7.26
CA LYS A 148 10.55 -1.16 7.76
C LYS A 148 9.56 -0.84 8.89
N GLU A 149 8.30 -1.26 8.72
CA GLU A 149 7.29 -0.99 9.72
C GLU A 149 7.41 -1.89 10.94
N ARG A 150 8.18 -2.98 10.82
CA ARG A 150 8.36 -3.95 11.92
C ARG A 150 7.02 -4.56 12.37
N VAL A 151 6.29 -5.04 11.39
CA VAL A 151 5.00 -5.66 11.65
C VAL A 151 4.99 -6.99 10.92
N GLU A 152 4.23 -7.95 11.47
CA GLU A 152 3.98 -9.21 10.81
C GLU A 152 2.61 -9.17 10.13
N PRO A 153 2.46 -9.93 9.05
CA PRO A 153 1.24 -9.83 8.24
C PRO A 153 -0.08 -10.01 9.01
N HIS A 154 -0.10 -10.91 9.98
CA HIS A 154 -1.34 -11.18 10.70
C HIS A 154 -1.69 -10.06 11.68
N GLN A 155 -0.78 -9.10 11.87
CA GLN A 155 -1.05 -7.95 12.74
C GLN A 155 -1.71 -6.78 12.01
N LEU A 156 -1.88 -6.91 10.70
CA LEU A 156 -2.44 -5.84 9.85
C LEU A 156 -3.95 -5.83 9.83
N ALA A 157 -4.52 -4.67 9.62
CA ALA A 157 -5.88 -4.58 9.12
C ALA A 157 -5.80 -4.01 7.71
N ILE A 158 -6.79 -4.35 6.90
CA ILE A 158 -6.80 -3.88 5.53
C ILE A 158 -8.10 -3.18 5.23
N ASP A 159 -8.01 -2.00 4.64
CA ASP A 159 -9.20 -1.29 4.18
C ASP A 159 -9.77 -2.03 2.96
N ARG A 160 -10.99 -2.54 3.10
CA ARG A 160 -11.76 -3.15 2.01
C ARG A 160 -10.91 -3.87 0.95
N PRO A 161 -10.26 -4.95 1.34
CA PRO A 161 -9.32 -5.62 0.42
C PRO A 161 -10.04 -6.20 -0.78
N SER A 162 -9.39 -6.12 -1.93
CA SER A 162 -9.88 -6.84 -3.11
C SER A 162 -9.63 -8.32 -2.89
N GLN A 163 -10.38 -9.13 -3.62
CA GLN A 163 -10.17 -10.56 -3.62
C GLN A 163 -8.76 -10.93 -4.13
N LYS A 164 -8.21 -10.12 -5.05
CA LYS A 164 -6.85 -10.34 -5.55
C LYS A 164 -5.87 -10.29 -4.38
N LEU A 165 -6.06 -9.31 -3.50
CA LEU A 165 -5.17 -9.15 -2.36
C LEU A 165 -5.35 -10.26 -1.34
N LEU A 166 -6.59 -10.72 -1.12
CA LEU A 166 -6.80 -11.82 -0.21
C LEU A 166 -6.11 -13.08 -0.74
N LYS A 167 -6.15 -13.30 -2.05
CA LYS A 167 -5.49 -14.49 -2.62
C LYS A 167 -3.97 -14.34 -2.48
N PHE A 168 -3.46 -13.14 -2.75
CA PHE A 168 -2.03 -12.80 -2.59
C PHE A 168 -1.56 -13.10 -1.17
N LEU A 169 -2.35 -12.66 -0.19
CA LEU A 169 -1.97 -12.83 1.20
C LEU A 169 -2.07 -14.29 1.64
N ASN A 170 -3.05 -15.00 1.12
CA ASN A 170 -3.14 -16.42 1.41
C ASN A 170 -2.00 -17.21 0.78
N LYS A 171 -1.68 -16.90 -0.46
CA LYS A 171 -0.59 -17.58 -1.15
C LYS A 171 0.77 -17.31 -0.50
N HIS A 172 1.11 -16.03 -0.27
CA HIS A 172 2.44 -15.70 0.22
C HIS A 172 2.64 -15.85 1.72
N TYR A 173 1.57 -15.68 2.49
CA TYR A 173 1.68 -15.62 3.97
C TYR A 173 0.70 -16.51 4.68
N ASN A 174 -0.07 -17.29 3.93
CA ASN A 174 -1.06 -18.21 4.51
C ASN A 174 -2.13 -17.53 5.37
N LEU A 175 -2.37 -16.27 5.13
CA LEU A 175 -3.35 -15.56 5.93
C LEU A 175 -4.77 -15.98 5.56
N GLU A 176 -5.57 -16.14 6.60
CA GLU A 176 -6.99 -16.45 6.47
C GLU A 176 -7.78 -15.37 7.20
N THR A 177 -8.85 -14.88 6.59
CA THR A 177 -9.63 -13.84 7.26
C THR A 177 -10.27 -14.41 8.53
N THR A 178 -10.41 -13.55 9.54
CA THR A 178 -11.13 -13.91 10.75
C THR A 178 -12.46 -13.13 10.79
N VAL A 179 -12.98 -12.90 11.99
CA VAL A 179 -14.35 -12.41 12.18
C VAL A 179 -14.68 -11.19 11.28
N PRO A 180 -15.77 -11.26 10.51
CA PRO A 180 -16.17 -10.10 9.71
C PRO A 180 -16.57 -8.92 10.56
N GLN A 181 -16.27 -7.74 10.03
CA GLN A 181 -16.45 -6.50 10.75
C GLN A 181 -17.48 -5.62 10.05
N VAL A 182 -17.96 -4.60 10.76
CA VAL A 182 -18.93 -3.67 10.20
C VAL A 182 -18.26 -2.35 9.83
N ASN A 183 -16.93 -2.27 9.95
CA ASN A 183 -16.21 -1.01 9.72
C ASN A 183 -15.43 -0.98 8.41
N ASN A 184 -15.69 -1.95 7.54
CA ASN A 184 -15.04 -2.04 6.22
C ASN A 184 -13.58 -2.44 6.24
N PHE A 185 -13.04 -2.81 7.40
CA PHE A 185 -11.70 -3.36 7.48
C PHE A 185 -11.77 -4.86 7.66
N VAL A 186 -10.75 -5.52 7.15
CA VAL A 186 -10.58 -6.96 7.24
C VAL A 186 -9.34 -7.26 8.05
N ILE A 187 -9.46 -8.22 8.95
CA ILE A 187 -8.39 -8.73 9.75
C ILE A 187 -8.32 -10.25 9.60
N PHE A 188 -7.17 -10.80 10.01
CA PHE A 188 -6.83 -12.19 9.74
C PHE A 188 -6.60 -12.96 11.02
N GLU A 189 -6.77 -14.28 10.93
CA GLU A 189 -6.56 -15.16 12.06
CA GLU A 189 -6.56 -15.15 12.07
C GLU A 189 -5.15 -14.93 12.60
N GLY A 190 -5.04 -14.62 13.90
CA GLY A 190 -3.78 -14.26 14.50
C GLY A 190 -3.81 -12.82 15.01
N PHE A 191 -4.75 -12.02 14.51
CA PHE A 191 -4.87 -10.63 14.89
C PHE A 191 -5.15 -10.46 16.39
N PHE A 192 -6.03 -11.30 16.94
CA PHE A 192 -6.36 -11.26 18.36
C PHE A 192 -5.39 -12.06 19.22
N ALA A 193 -5.26 -11.63 20.47
CA ALA A 193 -4.25 -12.16 21.36
C ALA A 193 -4.44 -13.66 21.63
N HIS A 194 -5.70 -14.12 21.55
CA HIS A 194 -5.99 -15.52 21.80
C HIS A 194 -5.89 -16.40 20.54
N GLN A 195 -5.51 -15.79 19.41
CA GLN A 195 -5.39 -16.50 18.14
C GLN A 195 -3.92 -16.74 17.80
N HIS A 196 -3.68 -17.60 16.81
CA HIS A 196 -2.33 -17.94 16.39
C HIS A 196 -2.11 -17.65 14.92
N PRO A 197 -0.97 -17.04 14.57
CA PRO A 197 -0.65 -16.86 13.14
C PRO A 197 -0.50 -18.22 12.44
N PRO A 198 -0.71 -18.24 11.11
CA PRO A 198 -0.65 -19.51 10.39
C PRO A 198 0.78 -19.97 10.13
N SER B 2 -12.48 3.97 7.24
CA SER B 2 -12.23 3.51 5.87
C SER B 2 -12.33 4.57 4.83
N ASP B 3 -11.46 4.62 3.85
CA ASP B 3 -11.54 5.61 2.78
C ASP B 3 -12.13 4.98 1.57
N THR B 5 -14.99 3.94 0.84
CA THR B 5 -16.45 3.99 0.97
C THR B 5 -16.91 5.24 0.30
#